data_6TQR
#
_entry.id   6TQR
#
_cell.length_a   39.140
_cell.length_b   43.780
_cell.length_c   83.640
_cell.angle_alpha   89.460
_cell.angle_beta   92.910
_cell.angle_gamma   105.130
#
_symmetry.space_group_name_H-M   'P 1'
#
loop_
_entity.id
_entity.type
_entity.pdbx_description
1 polymer 'Vesicle-associated membrane protein-associated protein A'
2 polymer 'StAR-related lipid transfer protein 3'
3 non-polymer 'CHLORIDE ION'
4 water water
#
loop_
_entity_poly.entity_id
_entity_poly.type
_entity_poly.pdbx_seq_one_letter_code
_entity_poly.pdbx_strand_id
1 'polypeptide(L)'
;MAKHEQILVLDPPTDLKFKGPFTDVVTTNLKLRNPSDRKVCFKVKTTAPRRYCVRPNSGIIDPGSTVTVSVMLQPFDYDP
NEKSKHKFMVQTIFAPPNTSDMEAVWKEAKPDELMDSKLRCVFEMPNENDKLNDMEPSKAVPLNASKQDGPMPKPHSVSL
NDTETRKLMEECKRLQGEMMKLSEENRHLRDEGLRLRKVAHSDKPALEHHHHH
;
A,B,C,D
2 'polypeptide(L)' GAL(SEP)EGQFY(SEP)PPE(SEP)FAG E,F
#
loop_
_chem_comp.id
_chem_comp.type
_chem_comp.name
_chem_comp.formula
CL non-polymer 'CHLORIDE ION' 'Cl -1'
#
# COMPACT_ATOMS: atom_id res chain seq x y z
N ALA A 2 5.52 -24.70 48.44
CA ALA A 2 4.23 -25.29 48.11
C ALA A 2 3.55 -24.50 46.98
N LYS A 3 3.17 -25.21 45.92
CA LYS A 3 2.49 -24.57 44.80
C LYS A 3 1.09 -24.15 45.20
N HIS A 4 0.84 -22.85 45.22
CA HIS A 4 -0.43 -22.34 45.70
C HIS A 4 -1.57 -22.69 44.74
N GLU A 5 -2.79 -22.67 45.27
CA GLU A 5 -3.97 -22.79 44.44
C GLU A 5 -4.16 -21.51 43.63
N GLN A 6 -5.04 -21.60 42.62
CA GLN A 6 -5.31 -20.44 41.77
C GLN A 6 -5.97 -19.34 42.60
N ILE A 7 -5.36 -18.16 42.59
CA ILE A 7 -5.89 -17.04 43.36
C ILE A 7 -7.11 -16.43 42.68
N LEU A 8 -7.18 -16.52 41.35
CA LEU A 8 -8.27 -15.91 40.62
C LEU A 8 -9.54 -16.74 40.71
N VAL A 9 -10.69 -16.07 40.65
CA VAL A 9 -11.99 -16.72 40.57
C VAL A 9 -12.47 -16.65 39.13
N LEU A 10 -12.81 -17.81 38.57
CA LEU A 10 -13.15 -17.93 37.16
C LEU A 10 -14.64 -18.14 37.01
N ASP A 11 -15.23 -17.44 36.04
CA ASP A 11 -16.65 -17.57 35.73
C ASP A 11 -16.80 -17.67 34.22
N PRO A 12 -17.18 -18.84 33.68
CA PRO A 12 -17.50 -20.08 34.40
C PRO A 12 -16.28 -20.75 35.01
N PRO A 13 -16.46 -21.45 36.14
CA PRO A 13 -15.29 -22.00 36.84
C PRO A 13 -14.68 -23.21 36.17
N THR A 14 -15.46 -24.02 35.45
CA THR A 14 -14.93 -25.27 34.95
C THR A 14 -15.22 -25.52 33.48
N ASP A 15 -16.46 -25.31 33.04
CA ASP A 15 -16.89 -25.69 31.69
C ASP A 15 -17.09 -24.44 30.85
N LEU A 16 -16.38 -24.38 29.71
CA LEU A 16 -16.60 -23.34 28.71
C LEU A 16 -17.46 -23.94 27.60
N LYS A 17 -18.67 -23.41 27.44
CA LYS A 17 -19.62 -23.92 26.47
C LYS A 17 -19.65 -23.03 25.23
N PHE A 18 -19.69 -23.66 24.06
CA PHE A 18 -19.79 -22.96 22.79
C PHE A 18 -21.07 -23.40 22.09
N LYS A 19 -21.98 -22.45 21.88
CA LYS A 19 -23.27 -22.74 21.29
CA LYS A 19 -23.28 -22.74 21.29
C LYS A 19 -23.20 -22.66 19.78
N GLY A 20 -23.70 -23.69 19.11
CA GLY A 20 -23.71 -23.72 17.66
C GLY A 20 -24.83 -22.88 17.09
N PRO A 21 -24.95 -22.90 15.74
CA PRO A 21 -24.16 -23.68 14.79
C PRO A 21 -22.75 -23.14 14.59
N PHE A 22 -21.83 -24.00 14.13
CA PHE A 22 -20.43 -23.67 14.01
C PHE A 22 -20.02 -23.38 12.57
N THR A 23 -20.96 -22.97 11.72
CA THR A 23 -20.62 -22.46 10.41
C THR A 23 -20.06 -21.05 10.48
N ASP A 24 -20.08 -20.43 11.65
CA ASP A 24 -19.56 -19.09 11.89
C ASP A 24 -18.57 -19.15 13.05
N VAL A 25 -17.93 -18.03 13.34
CA VAL A 25 -17.06 -17.94 14.51
C VAL A 25 -17.94 -17.85 15.75
N VAL A 26 -17.68 -18.72 16.72
CA VAL A 26 -18.42 -18.76 17.98
C VAL A 26 -17.50 -18.24 19.08
N THR A 27 -17.99 -17.27 19.84
CA THR A 27 -17.22 -16.65 20.92
C THR A 27 -17.87 -16.95 22.26
N THR A 28 -17.04 -17.25 23.25
CA THR A 28 -17.49 -17.48 24.62
C THR A 28 -16.60 -16.69 25.57
N ASN A 29 -17.21 -16.07 26.57
CA ASN A 29 -16.49 -15.21 27.50
C ASN A 29 -16.05 -15.96 28.74
N LEU A 30 -14.94 -15.52 29.32
CA LEU A 30 -14.42 -16.06 30.56
C LEU A 30 -13.98 -14.90 31.44
N LYS A 31 -14.64 -14.74 32.58
CA LYS A 31 -14.33 -13.65 33.51
C LYS A 31 -13.29 -14.12 34.52
N LEU A 32 -12.25 -13.33 34.70
CA LEU A 32 -11.20 -13.59 35.69
C LEU A 32 -11.27 -12.49 36.74
N ARG A 33 -11.63 -12.86 37.96
CA ARG A 33 -11.74 -11.92 39.06
C ARG A 33 -10.60 -12.11 40.04
N ASN A 34 -10.00 -10.99 40.48
CA ASN A 34 -8.87 -11.02 41.39
C ASN A 34 -9.34 -10.67 42.79
N PRO A 35 -9.59 -11.64 43.67
CA PRO A 35 -10.10 -11.34 45.00
C PRO A 35 -9.03 -10.94 46.01
N SER A 36 -7.77 -10.89 45.62
CA SER A 36 -6.70 -10.57 46.55
C SER A 36 -6.44 -9.06 46.57
N ASP A 37 -5.41 -8.66 47.32
CA ASP A 37 -5.02 -7.26 47.43
C ASP A 37 -3.80 -6.93 46.58
N ARG A 38 -3.40 -7.83 45.69
CA ARG A 38 -2.20 -7.65 44.89
C ARG A 38 -2.53 -7.82 43.41
N LYS A 39 -1.72 -7.18 42.57
CA LYS A 39 -1.85 -7.36 41.13
CA LYS A 39 -1.87 -7.37 41.14
C LYS A 39 -1.52 -8.80 40.75
N VAL A 40 -2.23 -9.33 39.75
CA VAL A 40 -2.04 -10.70 39.30
C VAL A 40 -1.86 -10.68 37.79
N CYS A 41 -0.71 -11.16 37.33
CA CYS A 41 -0.48 -11.35 35.90
C CYS A 41 -1.04 -12.70 35.47
N PHE A 42 -1.63 -12.74 34.28
CA PHE A 42 -2.27 -13.96 33.80
C PHE A 42 -1.87 -14.24 32.36
N LYS A 43 -1.95 -15.52 32.00
CA LYS A 43 -1.83 -15.98 30.62
C LYS A 43 -2.88 -17.06 30.40
N VAL A 44 -3.59 -16.97 29.28
CA VAL A 44 -4.67 -17.88 28.95
CA VAL A 44 -4.68 -17.88 28.95
C VAL A 44 -4.35 -18.53 27.61
N LYS A 45 -4.44 -19.87 27.56
CA LYS A 45 -4.11 -20.62 26.36
C LYS A 45 -5.10 -21.76 26.19
N THR A 46 -5.15 -22.30 24.98
CA THR A 46 -5.94 -23.48 24.66
C THR A 46 -5.02 -24.57 24.12
N THR A 47 -5.50 -25.81 24.18
CA THR A 47 -4.74 -26.94 23.65
C THR A 47 -4.87 -27.10 22.14
N ALA A 48 -5.57 -26.18 21.46
CA ALA A 48 -5.72 -26.22 20.01
C ALA A 48 -5.66 -24.80 19.48
N PRO A 49 -4.45 -24.24 19.35
CA PRO A 49 -4.32 -22.82 18.96
C PRO A 49 -4.78 -22.51 17.55
N ARG A 50 -4.78 -23.50 16.64
CA ARG A 50 -5.25 -23.22 15.29
C ARG A 50 -6.76 -23.11 15.21
N ARG A 51 -7.49 -23.64 16.19
CA ARG A 51 -8.94 -23.58 16.19
C ARG A 51 -9.50 -22.52 17.13
N TYR A 52 -8.75 -22.11 18.14
CA TYR A 52 -9.18 -21.09 19.09
C TYR A 52 -8.27 -19.87 19.00
N CYS A 53 -8.87 -18.70 19.17
CA CYS A 53 -8.13 -17.49 19.48
C CYS A 53 -8.63 -16.93 20.81
N VAL A 54 -7.75 -16.26 21.53
CA VAL A 54 -8.04 -15.73 22.86
C VAL A 54 -7.56 -14.29 22.92
N ARG A 55 -8.45 -13.38 23.32
CA ARG A 55 -8.12 -11.97 23.45
C ARG A 55 -8.77 -11.38 24.69
N PRO A 56 -7.99 -10.79 25.60
CA PRO A 56 -6.52 -10.79 25.53
C PRO A 56 -5.93 -12.09 26.05
N ASN A 57 -4.79 -12.51 25.52
CA ASN A 57 -4.14 -13.73 25.97
C ASN A 57 -3.23 -13.52 27.16
N SER A 58 -3.06 -12.28 27.62
CA SER A 58 -2.19 -11.99 28.75
C SER A 58 -2.51 -10.60 29.26
N GLY A 59 -2.19 -10.36 30.53
CA GLY A 59 -2.40 -9.06 31.13
C GLY A 59 -2.21 -9.11 32.63
N ILE A 60 -2.54 -7.98 33.27
CA ILE A 60 -2.47 -7.84 34.71
C ILE A 60 -3.83 -7.39 35.22
N ILE A 61 -4.27 -7.96 36.34
CA ILE A 61 -5.56 -7.65 36.95
C ILE A 61 -5.32 -6.92 38.26
N ASP A 62 -5.97 -5.77 38.42
CA ASP A 62 -5.86 -5.01 39.65
C ASP A 62 -6.57 -5.72 40.79
N PRO A 63 -6.22 -5.38 42.03
CA PRO A 63 -6.90 -6.01 43.18
C PRO A 63 -8.39 -5.71 43.18
N GLY A 64 -9.19 -6.77 43.34
CA GLY A 64 -10.62 -6.63 43.41
C GLY A 64 -11.34 -6.48 42.08
N SER A 65 -10.60 -6.33 40.98
CA SER A 65 -11.19 -6.09 39.67
C SER A 65 -11.34 -7.39 38.89
N THR A 66 -12.03 -7.28 37.76
CA THR A 66 -12.31 -8.42 36.89
C THR A 66 -11.99 -8.03 35.45
N VAL A 67 -11.56 -9.02 34.67
CA VAL A 67 -11.32 -8.86 33.24
CA VAL A 67 -11.33 -8.84 33.24
C VAL A 67 -12.10 -9.93 32.49
N THR A 68 -12.64 -9.55 31.33
CA THR A 68 -13.37 -10.49 30.49
C THR A 68 -12.47 -10.93 29.34
N VAL A 69 -12.34 -12.23 29.16
CA VAL A 69 -11.49 -12.81 28.13
C VAL A 69 -12.38 -13.44 27.05
N SER A 70 -12.16 -13.03 25.80
CA SER A 70 -12.92 -13.55 24.68
C SER A 70 -12.20 -14.76 24.10
N VAL A 71 -12.89 -15.90 24.07
CA VAL A 71 -12.38 -17.12 23.45
C VAL A 71 -13.16 -17.32 22.15
N MET A 72 -12.44 -17.31 21.03
CA MET A 72 -13.04 -17.37 19.70
C MET A 72 -12.77 -18.72 19.07
N LEU A 73 -13.84 -19.44 18.75
CA LEU A 73 -13.74 -20.74 18.09
C LEU A 73 -13.96 -20.59 16.59
N GLN A 74 -13.05 -21.15 15.80
CA GLN A 74 -13.14 -21.02 14.36
C GLN A 74 -14.24 -21.93 13.80
N PRO A 75 -14.80 -21.57 12.64
CA PRO A 75 -15.84 -22.42 12.05
C PRO A 75 -15.30 -23.79 11.67
N PHE A 76 -16.16 -24.80 11.79
CA PHE A 76 -15.78 -26.15 11.42
C PHE A 76 -17.05 -26.97 11.21
N ASP A 77 -16.87 -28.18 10.68
CA ASP A 77 -17.97 -29.11 10.44
CA ASP A 77 -17.97 -29.11 10.45
C ASP A 77 -18.20 -29.93 11.71
N TYR A 78 -19.27 -29.61 12.42
CA TYR A 78 -19.55 -30.21 13.73
C TYR A 78 -20.32 -31.51 13.57
N ASP A 79 -19.86 -32.55 14.27
CA ASP A 79 -20.57 -33.82 14.38
C ASP A 79 -21.10 -33.96 15.79
N PRO A 80 -22.41 -34.05 15.99
CA PRO A 80 -22.95 -34.10 17.36
C PRO A 80 -22.47 -35.29 18.17
N ASN A 81 -22.03 -36.37 17.53
CA ASN A 81 -21.53 -37.55 18.22
C ASN A 81 -20.04 -37.47 18.52
N GLU A 82 -19.47 -36.27 18.54
CA GLU A 82 -18.06 -36.07 18.85
C GLU A 82 -17.97 -35.03 19.95
N LYS A 83 -17.49 -35.44 21.13
CA LYS A 83 -17.28 -34.51 22.23
C LYS A 83 -15.95 -33.78 22.05
N SER A 84 -15.90 -32.56 22.57
CA SER A 84 -14.70 -31.76 22.52
C SER A 84 -13.70 -32.22 23.57
N LYS A 85 -12.48 -32.53 23.14
CA LYS A 85 -11.39 -32.87 24.04
C LYS A 85 -10.49 -31.67 24.33
N HIS A 86 -10.94 -30.46 24.03
CA HIS A 86 -10.12 -29.28 24.17
C HIS A 86 -10.11 -28.79 25.62
N LYS A 87 -8.94 -28.35 26.07
CA LYS A 87 -8.76 -27.79 27.40
C LYS A 87 -8.34 -26.33 27.28
N PHE A 88 -8.62 -25.58 28.34
CA PHE A 88 -8.27 -24.16 28.44
CA PHE A 88 -8.26 -24.17 28.44
C PHE A 88 -7.43 -23.96 29.69
N MET A 89 -6.19 -23.51 29.51
CA MET A 89 -5.28 -23.30 30.62
C MET A 89 -5.23 -21.82 30.99
N VAL A 90 -5.28 -21.56 32.29
CA VAL A 90 -5.05 -20.22 32.84
C VAL A 90 -3.87 -20.32 33.78
N GLN A 91 -2.82 -19.54 33.50
CA GLN A 91 -1.61 -19.52 34.31
C GLN A 91 -1.46 -18.13 34.91
N THR A 92 -1.34 -18.06 36.23
CA THR A 92 -1.28 -16.78 36.93
C THR A 92 -0.07 -16.76 37.86
N ILE A 93 0.36 -15.53 38.18
CA ILE A 93 1.45 -15.31 39.12
C ILE A 93 1.26 -13.93 39.73
N PHE A 94 1.58 -13.80 41.02
CA PHE A 94 1.51 -12.50 41.67
C PHE A 94 2.54 -11.56 41.05
N ALA A 95 2.09 -10.36 40.71
CA ALA A 95 2.94 -9.44 39.96
C ALA A 95 4.10 -8.95 40.81
N PRO A 96 5.33 -8.97 40.30
CA PRO A 96 6.45 -8.33 41.00
C PRO A 96 6.34 -6.82 40.88
N PRO A 97 7.16 -6.07 41.63
CA PRO A 97 7.07 -4.60 41.54
C PRO A 97 7.26 -4.05 40.14
N ASN A 98 8.16 -4.64 39.35
CA ASN A 98 8.45 -4.19 37.99
CA ASN A 98 8.45 -4.18 38.00
C ASN A 98 7.82 -5.16 37.01
N THR A 99 6.91 -4.65 36.18
CA THR A 99 6.23 -5.48 35.18
C THR A 99 6.34 -4.90 33.78
N SER A 100 7.33 -4.04 33.52
CA SER A 100 7.49 -3.48 32.19
C SER A 100 8.07 -4.49 31.21
N ASP A 101 8.64 -5.60 31.71
CA ASP A 101 9.21 -6.65 30.87
C ASP A 101 8.58 -7.97 31.31
N MET A 102 7.40 -8.27 30.76
CA MET A 102 6.68 -9.46 31.18
C MET A 102 7.36 -10.75 30.74
N GLU A 103 8.07 -10.71 29.61
CA GLU A 103 8.81 -11.90 29.18
C GLU A 103 9.86 -12.29 30.22
N ALA A 104 10.56 -11.32 30.79
CA ALA A 104 11.50 -11.61 31.85
C ALA A 104 10.80 -12.02 33.14
N VAL A 105 9.59 -11.48 33.37
CA VAL A 105 8.86 -11.83 34.59
C VAL A 105 8.45 -13.28 34.58
N TRP A 106 7.86 -13.75 33.47
CA TRP A 106 7.43 -15.14 33.39
C TRP A 106 8.62 -16.10 33.38
N LYS A 107 9.77 -15.67 32.86
CA LYS A 107 10.91 -16.58 32.78
C LYS A 107 11.62 -16.70 34.13
N GLU A 108 11.72 -15.60 34.87
CA GLU A 108 12.31 -15.65 36.21
C GLU A 108 11.39 -16.30 37.23
N ALA A 109 10.16 -16.64 36.85
CA ALA A 109 9.19 -17.17 37.79
C ALA A 109 9.61 -18.53 38.31
N LYS A 110 9.67 -18.67 39.63
CA LYS A 110 9.94 -19.96 40.24
C LYS A 110 8.75 -20.90 40.03
N PRO A 111 8.97 -22.22 40.02
CA PRO A 111 7.86 -23.15 39.74
C PRO A 111 6.70 -23.01 40.71
N ASP A 112 6.98 -22.87 42.01
CA ASP A 112 5.91 -22.77 43.00
C ASP A 112 5.22 -21.42 43.00
N GLU A 113 5.79 -20.40 42.34
CA GLU A 113 5.14 -19.11 42.22
C GLU A 113 4.03 -19.10 41.20
N LEU A 114 3.93 -20.13 40.36
CA LEU A 114 2.92 -20.19 39.31
C LEU A 114 1.66 -20.88 39.81
N MET A 115 0.51 -20.39 39.36
CA MET A 115 -0.79 -20.96 39.67
C MET A 115 -1.50 -21.32 38.36
N ASP A 116 -2.14 -22.49 38.34
CA ASP A 116 -2.71 -23.02 37.11
C ASP A 116 -4.15 -23.48 37.33
N SER A 117 -4.98 -23.20 36.33
CA SER A 117 -6.36 -23.67 36.27
C SER A 117 -6.64 -24.22 34.89
N LYS A 118 -7.45 -25.28 34.83
CA LYS A 118 -7.80 -25.93 33.58
C LYS A 118 -9.31 -25.98 33.44
N LEU A 119 -9.81 -25.58 32.27
CA LEU A 119 -11.22 -25.63 31.95
C LEU A 119 -11.44 -26.56 30.77
N ARG A 120 -12.56 -27.29 30.81
CA ARG A 120 -12.91 -28.20 29.73
C ARG A 120 -13.89 -27.51 28.78
N CYS A 121 -13.79 -27.88 27.51
CA CYS A 121 -14.66 -27.30 26.48
CA CYS A 121 -14.63 -27.32 26.45
C CYS A 121 -15.82 -28.24 26.19
N VAL A 122 -16.96 -27.64 25.86
CA VAL A 122 -18.18 -28.39 25.56
C VAL A 122 -18.83 -27.75 24.34
N PHE A 123 -19.08 -28.57 23.31
CA PHE A 123 -19.82 -28.15 22.14
C PHE A 123 -21.28 -28.55 22.31
N GLU A 124 -22.18 -27.60 22.03
CA GLU A 124 -23.61 -27.89 22.13
C GLU A 124 -24.35 -27.10 21.05
N MET A 125 -25.47 -27.67 20.62
CA MET A 125 -26.37 -27.04 19.68
C MET A 125 -27.59 -26.50 20.41
N PRO A 126 -28.32 -25.54 19.82
CA PRO A 126 -29.53 -25.05 20.46
C PRO A 126 -30.58 -26.14 20.61
N ASN A 127 -31.46 -25.94 21.59
CA ASN A 127 -32.50 -26.91 21.89
C ASN A 127 -33.49 -27.08 20.74
N ALA B 2 11.51 -1.90 -8.32
CA ALA B 2 11.63 -3.35 -8.28
C ALA B 2 10.49 -3.96 -7.47
N LYS B 3 9.69 -3.10 -6.85
CA LYS B 3 8.56 -3.54 -6.04
C LYS B 3 7.41 -3.98 -6.96
N HIS B 4 7.08 -5.26 -6.92
CA HIS B 4 6.02 -5.83 -7.74
C HIS B 4 4.66 -5.65 -7.09
N GLU B 5 3.63 -5.69 -7.92
CA GLU B 5 2.27 -5.66 -7.41
C GLU B 5 1.95 -6.95 -6.66
N GLN B 6 0.91 -6.88 -5.82
CA GLN B 6 0.48 -8.05 -5.08
C GLN B 6 -0.02 -9.14 -6.03
N ILE B 7 0.52 -10.34 -5.89
CA ILE B 7 0.12 -11.44 -6.76
C ILE B 7 -1.25 -11.98 -6.37
N LEU B 8 -1.58 -11.96 -5.09
CA LEU B 8 -2.87 -12.47 -4.65
C LEU B 8 -4.00 -11.52 -5.03
N VAL B 9 -5.22 -12.03 -4.97
CA VAL B 9 -6.43 -11.24 -5.20
C VAL B 9 -7.20 -11.20 -3.89
N LEU B 10 -7.48 -10.01 -3.41
CA LEU B 10 -8.11 -9.82 -2.10
C LEU B 10 -9.59 -9.49 -2.28
N ASP B 11 -10.43 -10.12 -1.45
CA ASP B 11 -11.86 -9.86 -1.43
C ASP B 11 -12.33 -9.78 0.02
N PRO B 12 -12.67 -8.59 0.53
CA PRO B 12 -12.64 -7.30 -0.15
C PRO B 12 -11.24 -6.78 -0.42
N PRO B 13 -11.07 -5.95 -1.45
CA PRO B 13 -9.72 -5.54 -1.86
C PRO B 13 -9.14 -4.38 -1.07
N THR B 14 -9.97 -3.51 -0.51
CA THR B 14 -9.42 -2.31 0.11
C THR B 14 -10.02 -2.00 1.47
N ASP B 15 -11.29 -2.32 1.68
CA ASP B 15 -12.01 -1.94 2.90
C ASP B 15 -12.57 -3.17 3.59
N LEU B 16 -12.22 -3.35 4.86
CA LEU B 16 -12.80 -4.38 5.72
C LEU B 16 -13.92 -3.75 6.53
N LYS B 17 -15.16 -4.13 6.22
CA LYS B 17 -16.33 -3.59 6.92
C LYS B 17 -16.69 -4.49 8.09
N PHE B 18 -16.85 -3.89 9.27
CA PHE B 18 -17.28 -4.59 10.47
C PHE B 18 -18.63 -4.02 10.89
N LYS B 19 -19.68 -4.82 10.78
CA LYS B 19 -21.02 -4.35 11.08
C LYS B 19 -21.30 -4.44 12.57
N GLY B 20 -21.82 -3.36 13.15
CA GLY B 20 -22.14 -3.32 14.55
C GLY B 20 -23.39 -4.11 14.88
N PRO B 21 -23.75 -4.12 16.17
CA PRO B 21 -23.08 -3.42 17.27
C PRO B 21 -21.78 -4.09 17.72
N PHE B 22 -21.00 -3.40 18.54
CA PHE B 22 -19.65 -3.84 18.89
C PHE B 22 -19.52 -4.16 20.38
N THR B 23 -20.62 -4.57 21.01
CA THR B 23 -20.56 -5.08 22.36
C THR B 23 -20.11 -6.54 22.42
N ASP B 24 -20.04 -7.20 21.27
CA ASP B 24 -19.52 -8.56 21.16
C ASP B 24 -18.41 -8.60 20.12
N VAL B 25 -17.90 -9.78 19.83
CA VAL B 25 -16.89 -9.93 18.79
C VAL B 25 -17.54 -9.89 17.42
N VAL B 26 -17.04 -9.03 16.56
CA VAL B 26 -17.52 -8.90 15.17
C VAL B 26 -16.49 -9.55 14.26
N THR B 27 -16.97 -10.38 13.33
CA THR B 27 -16.10 -11.14 12.45
C THR B 27 -16.38 -10.78 11.01
N THR B 28 -15.32 -10.48 10.25
CA THR B 28 -15.39 -10.21 8.82
C THR B 28 -14.41 -11.14 8.11
N ASN B 29 -14.85 -11.73 7.01
CA ASN B 29 -14.02 -12.65 6.26
C ASN B 29 -13.20 -11.91 5.21
N LEU B 30 -11.97 -12.36 5.01
CA LEU B 30 -11.08 -11.83 3.97
C LEU B 30 -10.64 -13.00 3.11
N LYS B 31 -11.06 -13.00 1.84
CA LYS B 31 -10.71 -14.07 0.91
C LYS B 31 -9.43 -13.70 0.17
N LEU B 32 -8.41 -14.55 0.30
CA LEU B 32 -7.16 -14.43 -0.45
C LEU B 32 -7.16 -15.50 -1.53
N ARG B 33 -7.00 -15.08 -2.78
CA ARG B 33 -7.02 -15.99 -3.92
C ARG B 33 -5.69 -15.92 -4.65
N ASN B 34 -5.13 -17.09 -4.99
CA ASN B 34 -3.88 -17.19 -5.71
C ASN B 34 -4.17 -17.45 -7.18
N PRO B 35 -4.06 -16.44 -8.07
CA PRO B 35 -4.27 -16.69 -9.49
C PRO B 35 -3.05 -17.18 -10.24
N SER B 36 -1.88 -17.23 -9.60
CA SER B 36 -0.65 -17.58 -10.30
C SER B 36 -0.54 -19.11 -10.42
N ASP B 37 0.58 -19.57 -10.97
CA ASP B 37 0.86 -21.00 -11.05
C ASP B 37 1.88 -21.46 -10.02
N ARG B 38 2.15 -20.65 -9.01
CA ARG B 38 3.13 -20.96 -7.98
C ARG B 38 2.51 -20.75 -6.61
N LYS B 39 2.99 -21.51 -5.63
CA LYS B 39 2.52 -21.32 -4.26
C LYS B 39 2.97 -19.95 -3.74
N VAL B 40 2.12 -19.36 -2.90
CA VAL B 40 2.36 -18.03 -2.35
C VAL B 40 2.17 -18.09 -0.85
N CYS B 41 3.21 -17.71 -0.10
CA CYS B 41 3.09 -17.56 1.34
C CYS B 41 2.56 -16.17 1.68
N PHE B 42 1.83 -16.08 2.78
CA PHE B 42 1.25 -14.81 3.19
C PHE B 42 1.36 -14.63 4.69
N LYS B 43 1.41 -13.38 5.12
CA LYS B 43 1.31 -12.98 6.52
C LYS B 43 0.32 -11.84 6.63
N VAL B 44 -0.52 -11.88 7.65
CA VAL B 44 -1.50 -10.83 7.92
C VAL B 44 -1.03 -10.05 9.15
N LYS B 45 -0.87 -8.74 8.99
CA LYS B 45 -0.42 -7.88 10.07
C LYS B 45 -1.44 -6.77 10.31
N THR B 46 -1.42 -6.22 11.53
CA THR B 46 -2.37 -5.19 11.93
C THR B 46 -1.65 -4.10 12.69
N THR B 47 -2.21 -2.90 12.63
CA THR B 47 -1.71 -1.76 13.39
C THR B 47 -2.24 -1.71 14.81
N ALA B 48 -3.14 -2.62 15.17
CA ALA B 48 -3.74 -2.66 16.51
C ALA B 48 -3.91 -4.12 16.91
N PRO B 49 -2.83 -4.78 17.34
CA PRO B 49 -2.92 -6.21 17.66
C PRO B 49 -3.85 -6.53 18.81
N ARG B 50 -4.06 -5.60 19.74
CA ARG B 50 -4.95 -5.84 20.87
CA ARG B 50 -4.95 -5.85 20.87
C ARG B 50 -6.42 -5.81 20.47
N ARG B 51 -6.76 -5.13 19.37
CA ARG B 51 -8.15 -4.95 18.98
C ARG B 51 -8.66 -6.03 18.04
N TYR B 52 -7.76 -6.80 17.41
CA TYR B 52 -8.15 -7.79 16.42
C TYR B 52 -7.52 -9.13 16.74
N CYS B 53 -8.13 -10.18 16.20
CA CYS B 53 -7.47 -11.48 16.08
C CYS B 53 -7.73 -12.00 14.67
N VAL B 54 -6.71 -12.62 14.07
CA VAL B 54 -6.78 -13.06 12.68
C VAL B 54 -6.48 -14.56 12.64
N ARG B 55 -7.40 -15.32 12.04
CA ARG B 55 -7.21 -16.76 11.90
C ARG B 55 -7.56 -17.23 10.49
N PRO B 56 -6.59 -17.74 9.72
CA PRO B 56 -5.18 -17.78 10.12
C PRO B 56 -4.44 -16.51 9.72
N ASN B 57 -3.41 -16.13 10.48
CA ASN B 57 -2.64 -14.93 10.18
C ASN B 57 -1.44 -15.22 9.31
N SER B 58 -1.30 -16.44 8.82
CA SER B 58 -0.20 -16.82 7.93
C SER B 58 -0.56 -18.14 7.27
N GLY B 59 0.27 -18.53 6.31
CA GLY B 59 0.08 -19.79 5.62
C GLY B 59 0.59 -19.72 4.20
N ILE B 60 0.25 -20.74 3.42
CA ILE B 60 0.70 -20.87 2.04
C ILE B 60 -0.47 -21.32 1.20
N ILE B 61 -0.68 -20.65 0.05
CA ILE B 61 -1.84 -20.87 -0.79
C ILE B 61 -1.38 -21.56 -2.07
N ASP B 62 -2.02 -22.69 -2.39
CA ASP B 62 -1.72 -23.40 -3.63
C ASP B 62 -2.15 -22.56 -4.83
N PRO B 63 -1.62 -22.88 -6.01
CA PRO B 63 -2.08 -22.18 -7.22
C PRO B 63 -3.55 -22.44 -7.49
N GLY B 64 -4.27 -21.39 -7.86
CA GLY B 64 -5.67 -21.49 -8.17
C GLY B 64 -6.60 -21.71 -6.99
N SER B 65 -6.07 -21.74 -5.77
CA SER B 65 -6.88 -21.99 -4.59
C SER B 65 -7.10 -20.69 -3.81
N THR B 66 -8.05 -20.76 -2.88
CA THR B 66 -8.48 -19.60 -2.10
C THR B 66 -8.53 -19.98 -0.63
N VAL B 67 -8.09 -19.06 0.23
CA VAL B 67 -8.19 -19.23 1.67
C VAL B 67 -9.05 -18.10 2.23
N THR B 68 -9.88 -18.43 3.22
CA THR B 68 -10.73 -17.45 3.89
C THR B 68 -10.12 -17.14 5.25
N VAL B 69 -9.87 -15.86 5.50
CA VAL B 69 -9.24 -15.41 6.73
C VAL B 69 -10.30 -14.78 7.61
N SER B 70 -10.45 -15.30 8.83
CA SER B 70 -11.38 -14.74 9.82
C SER B 70 -10.69 -13.60 10.56
N VAL B 71 -11.17 -12.38 10.33
CA VAL B 71 -10.71 -11.21 11.06
C VAL B 71 -11.74 -10.90 12.13
N MET B 72 -11.34 -10.97 13.39
CA MET B 72 -12.26 -10.88 14.52
C MET B 72 -11.96 -9.62 15.32
N LEU B 73 -12.86 -8.66 15.25
CA LEU B 73 -12.72 -7.42 15.99
C LEU B 73 -13.22 -7.60 17.42
N GLN B 74 -12.42 -7.17 18.38
CA GLN B 74 -12.75 -7.34 19.79
C GLN B 74 -13.75 -6.27 20.24
N PRO B 75 -14.50 -6.53 21.30
CA PRO B 75 -15.48 -5.55 21.78
C PRO B 75 -14.81 -4.26 22.23
N PHE B 76 -15.53 -3.15 22.07
CA PHE B 76 -15.02 -1.85 22.45
C PHE B 76 -16.19 -0.87 22.52
N ASP B 77 -15.88 0.35 22.99
CA ASP B 77 -16.88 1.41 23.11
C ASP B 77 -16.87 2.21 21.81
N TYR B 78 -17.84 1.91 20.94
CA TYR B 78 -17.86 2.52 19.61
C TYR B 78 -18.29 3.98 19.69
N ASP B 79 -17.57 4.83 18.97
CA ASP B 79 -17.86 6.25 18.87
C ASP B 79 -18.31 6.57 17.46
N PRO B 80 -19.55 7.02 17.25
CA PRO B 80 -20.00 7.31 15.87
C PRO B 80 -19.30 8.49 15.23
N ASN B 81 -18.75 9.41 16.02
CA ASN B 81 -18.13 10.62 15.48
C ASN B 81 -16.74 10.37 14.90
N GLU B 82 -16.06 9.33 15.35
CA GLU B 82 -14.69 9.05 14.91
C GLU B 82 -14.66 7.79 14.07
N LYS B 83 -14.07 7.89 12.88
CA LYS B 83 -13.87 6.72 12.04
C LYS B 83 -12.61 5.98 12.47
N SER B 84 -12.52 4.72 12.06
CA SER B 84 -11.43 3.87 12.50
C SER B 84 -10.14 4.21 11.76
N LYS B 85 -9.03 4.25 12.50
CA LYS B 85 -7.71 4.46 11.94
C LYS B 85 -6.92 3.17 11.82
N HIS B 86 -7.55 2.03 12.03
CA HIS B 86 -6.86 0.74 11.99
C HIS B 86 -6.60 0.31 10.55
N LYS B 87 -5.46 -0.32 10.34
CA LYS B 87 -5.07 -0.83 9.02
C LYS B 87 -4.60 -2.26 9.14
N PHE B 88 -4.80 -3.01 8.06
CA PHE B 88 -4.29 -4.36 7.92
C PHE B 88 -3.35 -4.42 6.72
N MET B 89 -2.38 -5.33 6.81
CA MET B 89 -1.46 -5.57 5.71
C MET B 89 -1.40 -7.06 5.43
N VAL B 90 -1.44 -7.42 4.15
CA VAL B 90 -1.30 -8.80 3.70
C VAL B 90 0.03 -8.86 2.94
N GLN B 91 1.08 -9.29 3.62
CA GLN B 91 2.40 -9.41 3.01
C GLN B 91 2.57 -10.80 2.43
N THR B 92 3.08 -10.88 1.20
CA THR B 92 3.17 -12.15 0.49
C THR B 92 4.51 -12.27 -0.22
N ILE B 93 4.93 -13.51 -0.44
CA ILE B 93 6.09 -13.84 -1.25
C ILE B 93 5.77 -15.12 -2.02
N PHE B 94 6.57 -15.40 -3.03
CA PHE B 94 6.48 -16.68 -3.73
C PHE B 94 7.27 -17.73 -2.98
N ALA B 95 6.64 -18.88 -2.73
CA ALA B 95 7.32 -19.97 -2.03
C ALA B 95 8.40 -20.56 -2.92
N PRO B 96 9.67 -20.49 -2.54
CA PRO B 96 10.73 -21.05 -3.40
C PRO B 96 10.64 -22.56 -3.43
N PRO B 97 10.92 -23.18 -4.57
CA PRO B 97 10.84 -24.64 -4.66
C PRO B 97 11.94 -25.32 -3.85
N ASN B 98 11.65 -26.56 -3.45
CA ASN B 98 12.58 -27.39 -2.68
C ASN B 98 13.00 -26.72 -1.38
N THR B 99 12.01 -26.14 -0.69
CA THR B 99 12.25 -25.44 0.57
C THR B 99 11.71 -26.26 1.72
N SER B 100 12.58 -26.58 2.68
CA SER B 100 12.20 -27.32 3.87
C SER B 100 12.04 -26.43 5.10
N ASP B 101 12.49 -25.17 5.02
CA ASP B 101 12.38 -24.22 6.14
C ASP B 101 11.87 -22.90 5.58
N MET B 102 10.59 -22.62 5.81
CA MET B 102 9.98 -21.39 5.32
CA MET B 102 10.00 -21.39 5.30
C MET B 102 10.30 -20.19 6.21
N GLU B 103 10.50 -20.43 7.51
CA GLU B 103 10.80 -19.33 8.43
C GLU B 103 12.06 -18.58 8.01
N ALA B 104 13.07 -19.31 7.53
CA ALA B 104 14.29 -18.67 7.06
C ALA B 104 14.08 -17.95 5.73
N VAL B 105 13.02 -18.28 5.00
CA VAL B 105 12.76 -17.61 3.72
C VAL B 105 12.23 -16.20 3.97
N TRP B 106 11.34 -16.04 4.94
CA TRP B 106 10.84 -14.71 5.27
C TRP B 106 11.96 -13.83 5.80
N LYS B 107 12.88 -14.41 6.57
CA LYS B 107 13.97 -13.62 7.15
C LYS B 107 14.96 -13.16 6.09
N GLU B 108 15.29 -14.04 5.15
CA GLU B 108 16.22 -13.72 4.07
C GLU B 108 15.53 -13.17 2.83
N ALA B 109 14.25 -12.78 2.94
CA ALA B 109 13.50 -12.28 1.80
C ALA B 109 13.94 -10.85 1.49
N LYS B 110 14.36 -10.61 0.25
CA LYS B 110 14.79 -9.28 -0.14
C LYS B 110 13.57 -8.43 -0.52
N PRO B 111 13.68 -7.10 -0.42
CA PRO B 111 12.52 -6.25 -0.73
C PRO B 111 11.99 -6.40 -2.14
N ASP B 112 12.85 -6.80 -3.09
CA ASP B 112 12.38 -7.09 -4.44
C ASP B 112 11.40 -8.25 -4.45
N GLU B 113 11.53 -9.17 -3.49
CA GLU B 113 10.69 -10.37 -3.44
C GLU B 113 9.45 -10.18 -2.59
N LEU B 114 9.31 -9.06 -1.88
CA LEU B 114 8.20 -8.84 -0.97
C LEU B 114 7.07 -8.10 -1.67
N MET B 115 5.85 -8.58 -1.48
CA MET B 115 4.64 -7.93 -1.94
C MET B 115 3.72 -7.73 -0.75
N ASP B 116 2.90 -6.68 -0.80
CA ASP B 116 1.97 -6.44 0.29
C ASP B 116 0.80 -5.61 -0.23
N SER B 117 -0.34 -5.79 0.44
CA SER B 117 -1.54 -4.98 0.21
C SER B 117 -2.04 -4.50 1.55
N LYS B 118 -2.50 -3.25 1.60
CA LYS B 118 -3.03 -2.66 2.82
C LYS B 118 -4.54 -2.49 2.69
N LEU B 119 -5.24 -2.78 3.77
CA LEU B 119 -6.68 -2.53 3.87
C LEU B 119 -6.94 -1.63 5.07
N ARG B 120 -7.90 -0.74 4.94
CA ARG B 120 -8.32 0.11 6.05
C ARG B 120 -9.63 -0.43 6.62
N CYS B 121 -9.75 -0.35 7.94
CA CYS B 121 -10.93 -0.86 8.64
C CYS B 121 -12.01 0.20 8.66
N VAL B 122 -13.26 -0.24 8.46
CA VAL B 122 -14.42 0.64 8.47
C VAL B 122 -15.44 0.05 9.42
N PHE B 123 -15.85 0.85 10.41
CA PHE B 123 -16.86 0.44 11.37
C PHE B 123 -18.22 0.94 10.91
N GLU B 124 -19.16 0.03 10.72
CA GLU B 124 -20.48 0.33 10.20
C GLU B 124 -21.53 -0.05 11.22
N MET B 125 -22.47 0.85 11.48
CA MET B 125 -23.57 0.56 12.40
C MET B 125 -24.85 0.29 11.62
N PRO B 126 -25.53 -0.82 11.87
CA PRO B 126 -26.78 -1.09 11.16
C PRO B 126 -27.88 -0.13 11.58
N ASN B 127 -28.72 0.25 10.61
CA ASN B 127 -29.82 1.16 10.87
C ASN B 127 -31.09 0.39 11.19
N ALA C 2 26.55 20.03 -46.16
CA ALA C 2 26.81 20.29 -44.74
C ALA C 2 25.65 19.80 -43.88
N LYS C 3 24.96 20.73 -43.23
CA LYS C 3 23.84 20.39 -42.36
CA LYS C 3 23.84 20.39 -42.36
C LYS C 3 22.61 20.12 -43.21
N HIS C 4 22.11 18.88 -43.14
CA HIS C 4 20.92 18.50 -43.88
C HIS C 4 19.67 18.95 -43.16
N GLU C 5 18.67 19.40 -43.93
CA GLU C 5 17.45 19.93 -43.34
C GLU C 5 16.63 18.80 -42.71
N GLN C 6 15.64 19.21 -41.92
CA GLN C 6 14.79 18.25 -41.23
C GLN C 6 13.97 17.44 -42.23
N ILE C 7 13.97 16.12 -42.06
CA ILE C 7 13.18 15.27 -42.94
C ILE C 7 11.72 15.21 -42.47
N LEU C 8 11.49 15.31 -41.16
CA LEU C 8 10.12 15.29 -40.64
C LEU C 8 9.38 16.56 -41.01
N VAL C 9 8.07 16.43 -41.18
CA VAL C 9 7.18 17.57 -41.40
C VAL C 9 6.44 17.83 -40.10
N LEU C 10 6.69 18.99 -39.51
CA LEU C 10 6.14 19.32 -38.20
C LEU C 10 4.82 20.07 -38.34
N ASP C 11 3.92 19.83 -37.40
CA ASP C 11 2.64 20.52 -37.37
C ASP C 11 2.22 20.74 -35.91
N PRO C 12 2.26 21.98 -35.41
CA PRO C 12 2.66 23.21 -36.12
C PRO C 12 4.15 23.27 -36.47
N PRO C 13 4.48 23.95 -37.57
CA PRO C 13 5.87 23.90 -38.06
C PRO C 13 6.86 24.65 -37.18
N THR C 14 6.50 25.81 -36.65
CA THR C 14 7.46 26.62 -35.89
C THR C 14 6.92 27.26 -34.62
N ASP C 15 5.61 27.19 -34.33
CA ASP C 15 5.04 27.94 -33.23
C ASP C 15 4.12 27.04 -32.41
N LEU C 16 4.47 26.81 -31.15
CA LEU C 16 3.61 26.10 -30.21
C LEU C 16 2.85 27.12 -29.38
N LYS C 17 1.53 27.03 -29.39
CA LYS C 17 0.66 27.99 -28.72
C LYS C 17 -0.06 27.30 -27.57
N PHE C 18 0.03 27.90 -26.38
CA PHE C 18 -0.63 27.40 -25.18
C PHE C 18 -1.70 28.41 -24.77
N LYS C 19 -2.94 27.95 -24.67
CA LYS C 19 -4.07 28.81 -24.34
CA LYS C 19 -4.05 28.82 -24.33
C LYS C 19 -4.32 28.79 -22.83
N GLY C 20 -4.41 29.97 -22.23
CA GLY C 20 -4.67 30.09 -20.81
C GLY C 20 -6.12 29.84 -20.48
N PRO C 21 -6.45 29.90 -19.17
CA PRO C 21 -5.57 30.26 -18.05
C PRO C 21 -4.57 29.16 -17.68
N PHE C 22 -3.51 29.55 -16.98
CA PHE C 22 -2.39 28.66 -16.68
C PHE C 22 -2.37 28.22 -15.23
N THR C 23 -3.53 28.23 -14.56
CA THR C 23 -3.60 27.68 -13.22
C THR C 23 -3.57 26.15 -13.21
N ASP C 24 -3.80 25.53 -14.36
CA ASP C 24 -3.76 24.08 -14.51
C ASP C 24 -2.79 23.73 -15.63
N VAL C 25 -2.57 22.44 -15.83
CA VAL C 25 -1.68 21.97 -16.89
C VAL C 25 -2.32 22.27 -18.24
N VAL C 26 -1.58 22.99 -19.09
CA VAL C 26 -2.01 23.31 -20.45
C VAL C 26 -1.23 22.44 -21.41
N THR C 27 -1.93 21.78 -22.32
CA THR C 27 -1.32 20.82 -23.24
C THR C 27 -1.55 21.26 -24.67
N THR C 28 -0.51 21.10 -25.50
CA THR C 28 -0.56 21.37 -26.92
C THR C 28 0.10 20.21 -27.66
N ASN C 29 -0.47 19.82 -28.80
CA ASN C 29 0.02 18.69 -29.56
C ASN C 29 0.99 19.15 -30.64
N LEU C 30 1.95 18.27 -30.96
CA LEU C 30 2.89 18.47 -32.05
C LEU C 30 2.94 17.19 -32.88
N LYS C 31 2.50 17.29 -34.14
CA LYS C 31 2.52 16.15 -35.05
C LYS C 31 3.86 16.07 -35.77
N LEU C 32 4.50 14.90 -35.70
CA LEU C 32 5.73 14.63 -36.42
C LEU C 32 5.44 13.58 -37.49
N ARG C 33 5.49 13.99 -38.76
CA ARG C 33 5.17 13.13 -39.88
C ARG C 33 6.43 12.78 -40.66
N ASN C 34 6.55 11.51 -41.03
CA ASN C 34 7.73 10.98 -41.72
C ASN C 34 7.40 10.75 -43.20
N PRO C 35 7.78 11.66 -44.09
CA PRO C 35 7.44 11.51 -45.51
C PRO C 35 8.42 10.67 -46.33
N SER C 36 9.50 10.18 -45.73
CA SER C 36 10.53 9.49 -46.48
C SER C 36 10.19 8.01 -46.62
N ASP C 37 11.13 7.22 -47.13
CA ASP C 37 10.96 5.79 -47.29
C ASP C 37 11.77 5.01 -46.25
N ARG C 38 12.18 5.67 -45.17
CA ARG C 38 12.99 5.06 -44.13
C ARG C 38 12.41 5.41 -42.76
N LYS C 39 12.87 4.68 -41.75
CA LYS C 39 12.49 4.98 -40.37
C LYS C 39 13.37 6.08 -39.81
N VAL C 40 12.74 7.02 -39.09
CA VAL C 40 13.41 8.18 -38.53
C VAL C 40 13.26 8.13 -37.02
N CYS C 41 14.39 8.17 -36.32
CA CYS C 41 14.39 8.29 -34.87
C CYS C 41 14.35 9.76 -34.48
N PHE C 42 13.74 10.06 -33.33
CA PHE C 42 13.61 11.43 -32.90
C PHE C 42 13.81 11.54 -31.39
N LYS C 43 14.36 12.67 -30.97
CA LYS C 43 14.44 13.07 -29.57
C LYS C 43 13.85 14.46 -29.45
N VAL C 44 13.02 14.67 -28.43
CA VAL C 44 12.29 15.91 -28.26
C VAL C 44 12.55 16.43 -26.85
N LYS C 45 12.79 17.73 -26.73
CA LYS C 45 13.03 18.35 -25.43
C LYS C 45 12.78 19.84 -25.53
N THR C 46 12.72 20.49 -24.37
CA THR C 46 12.51 21.93 -24.27
C THR C 46 13.70 22.57 -23.56
N THR C 47 13.78 23.90 -23.66
CA THR C 47 14.81 24.66 -22.96
C THR C 47 14.45 24.92 -21.51
N ALA C 48 13.27 24.52 -21.06
CA ALA C 48 12.84 24.67 -19.67
C ALA C 48 12.25 23.35 -19.21
N PRO C 49 13.09 22.36 -18.90
CA PRO C 49 12.57 21.03 -18.53
C PRO C 49 11.75 21.04 -17.26
N ARG C 50 11.86 22.08 -16.43
CA ARG C 50 11.06 22.16 -15.21
CA ARG C 50 11.06 22.16 -15.22
C ARG C 50 9.67 22.74 -15.47
N ARG C 51 9.48 23.40 -16.62
CA ARG C 51 8.19 23.99 -16.96
C ARG C 51 7.34 23.14 -17.89
N TYR C 52 7.95 22.19 -18.61
CA TYR C 52 7.25 21.37 -19.60
C TYR C 52 7.56 19.90 -19.39
N CYS C 53 6.56 19.05 -19.62
CA CYS C 53 6.76 17.62 -19.81
C CYS C 53 6.39 17.25 -21.23
N VAL C 54 7.17 16.38 -21.85
CA VAL C 54 7.00 16.01 -23.24
C VAL C 54 6.82 14.49 -23.32
N ARG C 55 5.70 14.05 -23.89
CA ARG C 55 5.40 12.64 -24.04
CA ARG C 55 5.40 12.64 -24.04
C ARG C 55 4.82 12.36 -25.42
N PRO C 56 5.47 11.52 -26.23
CA PRO C 56 6.76 10.87 -25.92
C PRO C 56 7.92 11.78 -26.28
N ASN C 57 9.02 11.68 -25.55
CA ASN C 57 10.21 12.47 -25.84
C ASN C 57 11.19 11.76 -26.76
N SER C 58 10.88 10.54 -27.19
CA SER C 58 11.73 9.80 -28.10
C SER C 58 10.92 8.70 -28.76
N GLY C 59 11.40 8.23 -29.90
CA GLY C 59 10.73 7.16 -30.59
C GLY C 59 11.25 7.03 -32.01
N ILE C 60 10.62 6.13 -32.76
CA ILE C 60 10.94 5.86 -34.15
C ILE C 60 9.66 5.96 -34.96
N ILE C 61 9.70 6.67 -36.07
CA ILE C 61 8.53 6.88 -36.93
C ILE C 61 8.72 6.06 -38.20
N ASP C 62 7.75 5.18 -38.48
CA ASP C 62 7.80 4.37 -39.68
C ASP C 62 7.62 5.26 -40.92
N PRO C 63 8.05 4.79 -42.09
CA PRO C 63 7.86 5.57 -43.31
C PRO C 63 6.39 5.85 -43.57
N GLY C 64 6.06 7.12 -43.78
CA GLY C 64 4.70 7.54 -44.07
C GLY C 64 3.82 7.78 -42.86
N SER C 65 4.25 7.39 -41.67
CA SER C 65 3.43 7.48 -40.47
C SER C 65 3.64 8.83 -39.77
N THR C 66 2.82 9.06 -38.75
CA THR C 66 2.84 10.28 -37.96
C THR C 66 2.76 9.92 -36.49
N VAL C 67 3.51 10.63 -35.65
CA VAL C 67 3.47 10.47 -34.20
C VAL C 67 3.03 11.79 -33.60
N THR C 68 2.07 11.72 -32.68
CA THR C 68 1.58 12.90 -31.98
C THR C 68 2.32 13.06 -30.66
N VAL C 69 2.93 14.22 -30.45
CA VAL C 69 3.73 14.50 -29.26
C VAL C 69 2.92 15.46 -28.39
N SER C 70 2.71 15.07 -27.14
CA SER C 70 1.97 15.89 -26.19
C SER C 70 2.92 16.77 -25.40
N VAL C 71 2.62 18.06 -25.35
CA VAL C 71 3.46 19.05 -24.68
C VAL C 71 2.66 19.66 -23.55
N MET C 72 3.05 19.34 -22.31
CA MET C 72 2.30 19.73 -21.12
C MET C 72 3.03 20.84 -20.39
N LEU C 73 2.39 22.01 -20.31
CA LEU C 73 2.94 23.16 -19.61
C LEU C 73 2.42 23.17 -18.17
N GLN C 74 3.34 23.21 -17.21
CA GLN C 74 2.97 23.13 -15.81
C GLN C 74 2.31 24.43 -15.36
N PRO C 75 1.51 24.38 -14.29
CA PRO C 75 0.83 25.60 -13.82
C PRO C 75 1.84 26.62 -13.30
N PHE C 76 1.55 27.89 -13.57
CA PHE C 76 2.39 28.99 -13.10
C PHE C 76 1.53 30.25 -13.03
N ASP C 77 2.11 31.29 -12.44
CA ASP C 77 1.44 32.59 -12.32
C ASP C 77 1.77 33.42 -13.55
N TYR C 78 0.82 33.51 -14.48
CA TYR C 78 1.05 34.17 -15.74
C TYR C 78 0.97 35.68 -15.60
N ASP C 79 1.81 36.39 -16.36
CA ASP C 79 1.80 37.84 -16.40
C ASP C 79 1.85 38.25 -17.88
N PRO C 80 0.86 39.00 -18.37
N PRO C 80 0.89 39.03 -18.37
CA PRO C 80 0.86 39.36 -19.80
CA PRO C 80 0.90 39.42 -19.79
C PRO C 80 2.01 40.27 -20.20
C PRO C 80 2.10 40.26 -20.18
N ASN C 81 2.65 40.94 -19.26
N ASN C 81 2.82 40.85 -19.21
CA ASN C 81 3.79 41.80 -19.56
CA ASN C 81 3.96 41.68 -19.56
C ASN C 81 5.09 41.03 -19.73
C ASN C 81 5.15 40.84 -20.01
N GLU C 82 5.03 39.70 -19.76
N GLU C 82 5.21 39.58 -19.59
CA GLU C 82 6.20 38.85 -19.94
CA GLU C 82 6.34 38.70 -19.83
C GLU C 82 5.89 37.79 -20.99
C GLU C 82 5.98 37.69 -20.90
N LYS C 83 6.74 37.69 -21.99
CA LYS C 83 6.57 36.71 -23.06
C LYS C 83 7.42 35.47 -22.76
N SER C 84 7.23 34.45 -23.58
CA SER C 84 7.91 33.17 -23.41
C SER C 84 9.17 33.14 -24.26
N LYS C 85 10.32 32.93 -23.62
CA LYS C 85 11.57 32.70 -24.32
C LYS C 85 11.86 31.21 -24.52
N HIS C 86 10.89 30.35 -24.27
CA HIS C 86 11.14 28.92 -24.32
C HIS C 86 11.22 28.43 -25.76
N LYS C 87 12.18 27.53 -26.01
CA LYS C 87 12.37 26.93 -27.31
C LYS C 87 12.00 25.45 -27.26
N PHE C 88 11.89 24.85 -28.44
CA PHE C 88 11.48 23.46 -28.58
CA PHE C 88 11.49 23.45 -28.57
C PHE C 88 12.36 22.80 -29.64
N MET C 89 13.25 21.91 -29.22
CA MET C 89 14.17 21.25 -30.12
C MET C 89 13.67 19.85 -30.45
N VAL C 90 13.58 19.55 -31.75
CA VAL C 90 13.33 18.21 -32.25
C VAL C 90 14.58 17.78 -33.02
N GLN C 91 15.28 16.79 -32.51
CA GLN C 91 16.48 16.26 -33.15
C GLN C 91 16.16 14.88 -33.71
N THR C 92 16.47 14.67 -34.99
CA THR C 92 16.13 13.43 -35.66
C THR C 92 17.33 12.89 -36.43
N ILE C 93 17.27 11.59 -36.71
CA ILE C 93 18.29 10.90 -37.47
C ILE C 93 17.63 9.70 -38.14
N PHE C 94 18.12 9.34 -39.32
CA PHE C 94 17.61 8.14 -39.98
C PHE C 94 18.03 6.90 -39.21
N ALA C 95 17.12 5.95 -39.10
CA ALA C 95 17.35 4.78 -38.27
C ALA C 95 18.46 3.91 -38.86
N PRO C 96 19.49 3.57 -38.10
CA PRO C 96 20.51 2.65 -38.59
C PRO C 96 19.97 1.23 -38.64
N PRO C 97 20.72 0.28 -39.23
CA PRO C 97 20.27 -1.11 -39.19
C PRO C 97 20.12 -1.66 -37.78
N ASN C 98 20.94 -1.21 -36.83
CA ASN C 98 20.93 -1.69 -35.46
C ASN C 98 20.31 -0.59 -34.58
N THR C 99 19.04 -0.77 -34.22
CA THR C 99 18.35 0.14 -33.31
C THR C 99 18.11 -0.51 -31.95
N SER C 100 18.92 -1.51 -31.59
CA SER C 100 18.75 -2.19 -30.31
C SER C 100 19.04 -1.25 -29.15
N ASP C 101 20.21 -0.61 -29.17
CA ASP C 101 20.64 0.32 -28.12
C ASP C 101 20.66 1.72 -28.72
N MET C 102 19.60 2.48 -28.47
CA MET C 102 19.50 3.83 -29.03
C MET C 102 20.45 4.80 -28.35
N GLU C 103 20.90 4.51 -27.14
CA GLU C 103 21.79 5.43 -26.44
CA GLU C 103 21.80 5.43 -26.44
C GLU C 103 23.12 5.59 -27.17
N ALA C 104 23.55 4.56 -27.91
CA ALA C 104 24.78 4.65 -28.68
C ALA C 104 24.56 5.23 -30.07
N VAL C 105 23.39 5.00 -30.66
CA VAL C 105 23.08 5.57 -31.97
C VAL C 105 23.18 7.10 -31.92
N TRP C 106 22.65 7.70 -30.86
CA TRP C 106 22.71 9.15 -30.73
C TRP C 106 24.13 9.62 -30.40
N LYS C 107 24.87 8.84 -29.61
CA LYS C 107 26.24 9.22 -29.29
C LYS C 107 27.14 9.10 -30.50
N GLU C 108 27.09 7.97 -31.20
CA GLU C 108 27.94 7.69 -32.34
C GLU C 108 27.43 8.33 -33.63
N ALA C 109 26.68 9.42 -33.54
CA ALA C 109 26.09 10.07 -34.71
C ALA C 109 26.93 11.27 -35.11
N LYS C 110 27.27 11.34 -36.40
CA LYS C 110 28.02 12.47 -36.92
C LYS C 110 27.16 13.74 -36.84
N PRO C 111 27.79 14.91 -36.72
CA PRO C 111 27.01 16.15 -36.64
C PRO C 111 26.12 16.38 -37.85
N ASP C 112 26.58 16.02 -39.05
CA ASP C 112 25.77 16.21 -40.25
C ASP C 112 24.65 15.19 -40.36
N GLU C 113 24.81 14.00 -39.76
CA GLU C 113 23.74 13.02 -39.77
C GLU C 113 22.55 13.44 -38.94
N LEU C 114 22.73 14.39 -38.02
CA LEU C 114 21.65 14.86 -37.16
C LEU C 114 20.86 15.97 -37.85
N MET C 115 19.55 15.94 -37.68
CA MET C 115 18.64 16.94 -38.23
C MET C 115 17.91 17.64 -37.10
N ASP C 116 17.91 18.96 -37.11
CA ASP C 116 17.45 19.75 -35.99
C ASP C 116 16.33 20.70 -36.40
N SER C 117 15.39 20.90 -35.50
CA SER C 117 14.28 21.83 -35.68
C SER C 117 14.02 22.56 -34.38
N LYS C 118 13.78 23.86 -34.47
CA LYS C 118 13.45 24.69 -33.32
C LYS C 118 12.05 25.25 -33.47
N LEU C 119 11.33 25.36 -32.36
CA LEU C 119 10.02 25.98 -32.31
C LEU C 119 9.96 26.93 -31.13
N ARG C 120 9.27 28.04 -31.31
CA ARG C 120 9.08 28.99 -30.22
CA ARG C 120 9.06 29.02 -30.25
C ARG C 120 7.77 28.72 -29.51
N CYS C 121 7.72 29.12 -28.24
CA CYS C 121 6.54 28.94 -27.41
C CYS C 121 5.85 30.29 -27.22
N VAL C 122 4.53 30.27 -27.36
CA VAL C 122 3.71 31.47 -27.24
C VAL C 122 2.66 31.22 -26.18
N PHE C 123 2.62 32.09 -25.17
CA PHE C 123 1.58 32.06 -24.16
C PHE C 123 0.46 33.01 -24.57
N GLU C 124 -0.77 32.52 -24.58
CA GLU C 124 -1.91 33.33 -24.98
C GLU C 124 -3.07 33.11 -24.02
N MET C 125 -3.71 34.20 -23.62
CA MET C 125 -4.88 34.31 -22.77
C MET C 125 -6.12 34.62 -23.60
N PRO C 126 -7.27 34.04 -23.25
CA PRO C 126 -8.50 34.38 -23.98
C PRO C 126 -8.88 35.84 -23.79
N ASN C 127 -8.74 36.63 -24.86
CA ASN C 127 -9.02 38.05 -24.78
C ASN C 127 -10.52 38.32 -24.68
N ALA D 2 10.30 -3.18 9.71
CA ALA D 2 9.36 -2.73 10.72
C ALA D 2 8.02 -2.35 10.09
N LYS D 3 8.08 -1.82 8.87
CA LYS D 3 6.90 -1.41 8.11
CA LYS D 3 6.90 -1.42 8.10
C LYS D 3 6.05 -0.43 8.90
N HIS D 4 6.35 0.86 8.76
CA HIS D 4 5.58 1.90 9.42
C HIS D 4 4.49 2.43 8.50
N GLU D 5 3.46 3.00 9.10
CA GLU D 5 2.41 3.64 8.32
C GLU D 5 2.97 4.85 7.59
N GLN D 6 2.27 5.25 6.53
CA GLN D 6 2.68 6.43 5.76
C GLN D 6 2.58 7.67 6.63
N ILE D 7 3.70 8.39 6.75
CA ILE D 7 3.70 9.61 7.55
C ILE D 7 2.95 10.72 6.83
N LEU D 8 3.05 10.77 5.49
CA LEU D 8 2.38 11.82 4.73
C LEU D 8 0.86 11.58 4.71
N VAL D 9 0.14 12.67 4.43
CA VAL D 9 -1.30 12.62 4.23
C VAL D 9 -1.57 12.92 2.76
N LEU D 10 -2.35 12.04 2.11
CA LEU D 10 -2.58 12.11 0.68
C LEU D 10 -4.01 12.56 0.40
N ASP D 11 -4.15 13.49 -0.55
CA ASP D 11 -5.45 13.95 -1.01
C ASP D 11 -5.44 13.96 -2.54
N PRO D 12 -6.11 13.02 -3.22
CA PRO D 12 -6.96 11.96 -2.64
C PRO D 12 -6.14 10.85 -1.97
N PRO D 13 -6.74 10.18 -0.99
CA PRO D 13 -5.98 9.16 -0.23
C PRO D 13 -5.87 7.82 -0.91
N THR D 14 -6.76 7.48 -1.85
CA THR D 14 -6.77 6.12 -2.38
C THR D 14 -7.01 6.04 -3.88
N ASP D 15 -7.90 6.87 -4.42
CA ASP D 15 -8.31 6.76 -5.82
C ASP D 15 -7.97 8.05 -6.56
N LEU D 16 -7.21 7.91 -7.65
CA LEU D 16 -6.93 9.01 -8.57
C LEU D 16 -7.94 8.93 -9.71
N LYS D 17 -8.87 9.88 -9.76
CA LYS D 17 -9.93 9.88 -10.76
C LYS D 17 -9.53 10.76 -11.95
N PHE D 18 -9.83 10.27 -13.15
CA PHE D 18 -9.52 10.97 -14.38
C PHE D 18 -10.79 11.09 -15.22
N LYS D 19 -11.23 12.32 -15.44
CA LYS D 19 -12.44 12.57 -16.23
C LYS D 19 -12.11 12.59 -17.72
N GLY D 20 -12.96 11.95 -18.51
CA GLY D 20 -12.79 11.92 -19.94
C GLY D 20 -13.25 13.20 -20.59
N PRO D 21 -13.13 13.23 -21.94
CA PRO D 21 -12.61 12.17 -22.80
C PRO D 21 -11.08 12.11 -22.81
N PHE D 22 -10.54 10.97 -23.23
CA PHE D 22 -9.10 10.71 -23.15
C PHE D 22 -8.40 10.89 -24.49
N THR D 23 -8.98 11.66 -25.40
CA THR D 23 -8.32 12.01 -26.65
C THR D 23 -7.26 13.09 -26.46
N ASP D 24 -7.19 13.70 -25.28
CA ASP D 24 -6.17 14.68 -24.93
C ASP D 24 -5.63 14.35 -23.54
N VAL D 25 -4.60 15.09 -23.13
CA VAL D 25 -3.99 14.86 -21.82
C VAL D 25 -4.96 15.26 -20.73
N VAL D 26 -5.18 14.37 -19.77
CA VAL D 26 -6.04 14.61 -18.61
C VAL D 26 -5.15 14.66 -17.38
N THR D 27 -5.30 15.72 -16.58
CA THR D 27 -4.45 15.95 -15.41
C THR D 27 -5.30 15.90 -14.15
N THR D 28 -4.82 15.15 -13.16
CA THR D 28 -5.44 15.08 -11.84
C THR D 28 -4.38 15.37 -10.78
N ASN D 29 -4.75 16.20 -9.80
CA ASN D 29 -3.82 16.62 -8.78
C ASN D 29 -3.79 15.64 -7.62
N LEU D 30 -2.61 15.51 -7.01
CA LEU D 30 -2.41 14.72 -5.79
C LEU D 30 -1.60 15.57 -4.82
N LYS D 31 -2.20 15.90 -3.68
CA LYS D 31 -1.55 16.73 -2.68
C LYS D 31 -0.93 15.86 -1.61
N LEU D 32 0.35 16.12 -1.31
CA LEU D 32 1.10 15.39 -0.29
C LEU D 32 1.40 16.37 0.84
N ARG D 33 0.78 16.16 1.99
CA ARG D 33 0.95 17.02 3.15
C ARG D 33 1.81 16.33 4.19
N ASN D 34 2.80 17.05 4.71
CA ASN D 34 3.68 16.53 5.75
C ASN D 34 3.18 17.03 7.10
N PRO D 35 2.56 16.20 7.93
CA PRO D 35 2.13 16.65 9.26
C PRO D 35 3.19 16.54 10.33
N SER D 36 4.32 15.88 10.06
CA SER D 36 5.34 15.66 11.08
C SER D 36 6.21 16.91 11.22
N ASP D 37 7.20 16.81 12.11
CA ASP D 37 8.14 17.90 12.35
C ASP D 37 9.48 17.67 11.67
N ARG D 38 9.54 16.78 10.69
CA ARG D 38 10.78 16.47 9.98
C ARG D 38 10.55 16.53 8.48
N LYS D 39 11.61 16.83 7.74
CA LYS D 39 11.57 16.80 6.30
C LYS D 39 11.33 15.38 5.80
N VAL D 40 10.54 15.26 4.74
CA VAL D 40 10.19 13.96 4.18
C VAL D 40 10.54 13.97 2.70
N CYS D 41 11.34 13.00 2.26
CA CYS D 41 11.62 12.79 0.86
C CYS D 41 10.61 11.83 0.26
N PHE D 42 10.20 12.08 -0.98
CA PHE D 42 9.18 11.26 -1.62
C PHE D 42 9.55 10.97 -3.06
N LYS D 43 9.10 9.81 -3.53
CA LYS D 43 9.17 9.42 -4.94
C LYS D 43 7.82 8.89 -5.36
N VAL D 44 7.38 9.30 -6.54
CA VAL D 44 6.09 8.88 -7.11
C VAL D 44 6.37 7.88 -8.23
N LYS D 45 5.90 6.64 -8.04
CA LYS D 45 6.08 5.58 -9.01
C LYS D 45 4.74 5.22 -9.64
N THR D 46 4.81 4.50 -10.76
CA THR D 46 3.62 4.08 -11.48
C THR D 46 3.87 2.72 -12.11
N THR D 47 2.79 1.98 -12.34
CA THR D 47 2.86 0.68 -12.99
C THR D 47 2.86 0.78 -14.51
N ALA D 48 2.55 1.96 -15.05
CA ALA D 48 2.52 2.18 -16.50
C ALA D 48 3.23 3.49 -16.80
N PRO D 49 4.56 3.46 -16.85
CA PRO D 49 5.31 4.72 -17.02
C PRO D 49 5.02 5.45 -18.32
N ARG D 50 4.66 4.72 -19.38
CA ARG D 50 4.40 5.36 -20.66
CA ARG D 50 4.39 5.34 -20.67
C ARG D 50 3.04 6.04 -20.72
N ARG D 51 2.15 5.75 -19.76
CA ARG D 51 0.80 6.32 -19.78
C ARG D 51 0.67 7.59 -18.95
N TYR D 52 1.67 7.92 -18.14
CA TYR D 52 1.58 9.07 -17.24
C TYR D 52 2.87 9.87 -17.27
N CYS D 53 2.72 11.19 -17.12
CA CYS D 53 3.82 12.05 -16.74
C CYS D 53 3.47 12.66 -15.39
N VAL D 54 4.43 12.63 -14.46
CA VAL D 54 4.23 13.08 -13.09
C VAL D 54 5.18 14.22 -12.82
N ARG D 55 4.64 15.34 -12.33
CA ARG D 55 5.44 16.53 -12.07
C ARG D 55 4.94 17.24 -10.81
N PRO D 56 5.75 17.32 -9.74
CA PRO D 56 7.05 16.66 -9.67
C PRO D 56 6.94 15.21 -9.22
N ASN D 57 7.79 14.33 -9.74
CA ASN D 57 7.75 12.92 -9.37
C ASN D 57 8.65 12.61 -8.18
N SER D 58 9.32 13.60 -7.62
CA SER D 58 10.17 13.42 -6.45
C SER D 58 10.41 14.77 -5.82
N GLY D 59 10.98 14.75 -4.62
CA GLY D 59 11.32 15.97 -3.92
C GLY D 59 11.36 15.73 -2.43
N ILE D 60 11.33 16.84 -1.69
CA ILE D 60 11.41 16.83 -0.23
C ILE D 60 10.39 17.81 0.30
N ILE D 61 9.54 17.36 1.22
CA ILE D 61 8.47 18.17 1.78
C ILE D 61 8.89 18.64 3.17
N ASP D 62 8.91 19.96 3.37
CA ASP D 62 9.23 20.52 4.66
C ASP D 62 8.12 20.21 5.68
N PRO D 63 8.43 20.27 6.97
CA PRO D 63 7.39 20.02 7.98
C PRO D 63 6.27 21.05 7.88
N GLY D 64 5.04 20.53 7.80
CA GLY D 64 3.85 21.37 7.76
C GLY D 64 3.40 21.78 6.38
N SER D 65 4.28 21.72 5.38
CA SER D 65 3.95 22.20 4.05
C SER D 65 3.27 21.11 3.23
N THR D 66 2.72 21.52 2.08
CA THR D 66 2.01 20.65 1.17
C THR D 66 2.54 20.87 -0.25
N VAL D 67 2.73 19.78 -0.98
CA VAL D 67 3.16 19.84 -2.38
CA VAL D 67 3.16 19.85 -2.37
C VAL D 67 2.05 19.26 -3.24
N THR D 68 1.86 19.86 -4.41
CA THR D 68 0.83 19.41 -5.36
C THR D 68 1.52 18.69 -6.51
N VAL D 69 1.14 17.45 -6.74
CA VAL D 69 1.70 16.62 -7.78
C VAL D 69 0.74 16.58 -8.96
N SER D 70 1.23 16.93 -10.14
CA SER D 70 0.43 16.90 -11.36
C SER D 70 0.58 15.53 -12.01
N VAL D 71 -0.49 14.74 -11.99
CA VAL D 71 -0.52 13.43 -12.62
C VAL D 71 -1.24 13.60 -13.96
N MET D 72 -0.48 13.53 -15.06
CA MET D 72 -0.98 13.84 -16.38
C MET D 72 -1.17 12.53 -17.16
N LEU D 73 -2.42 12.15 -17.37
CA LEU D 73 -2.74 10.93 -18.10
C LEU D 73 -2.66 11.18 -19.60
N GLN D 74 -1.81 10.42 -20.28
CA GLN D 74 -1.59 10.60 -21.70
C GLN D 74 -2.78 10.07 -22.50
N PRO D 75 -2.99 10.59 -23.71
CA PRO D 75 -4.11 10.13 -24.52
C PRO D 75 -3.99 8.65 -24.88
N PHE D 76 -5.14 7.98 -24.96
CA PHE D 76 -5.19 6.57 -25.31
C PHE D 76 -6.60 6.24 -25.76
N ASP D 77 -6.74 5.06 -26.35
CA ASP D 77 -8.05 4.56 -26.79
C ASP D 77 -8.75 3.94 -25.59
N TYR D 78 -9.86 4.55 -25.16
CA TYR D 78 -10.51 4.17 -23.93
C TYR D 78 -11.64 3.18 -24.20
N ASP D 79 -11.59 2.04 -23.50
CA ASP D 79 -12.64 1.04 -23.59
C ASP D 79 -13.48 1.10 -22.32
N PRO D 80 -14.72 1.59 -22.38
CA PRO D 80 -15.50 1.75 -21.14
C PRO D 80 -15.75 0.45 -20.40
N ASN D 81 -15.77 -0.68 -21.12
CA ASN D 81 -15.92 -1.97 -20.46
C ASN D 81 -14.68 -2.41 -19.70
N GLU D 82 -13.63 -1.58 -19.69
CA GLU D 82 -12.36 -1.92 -19.04
C GLU D 82 -12.10 -0.92 -17.92
N LYS D 83 -11.92 -1.43 -16.71
CA LYS D 83 -11.46 -0.60 -15.60
C LYS D 83 -9.94 -0.55 -15.62
N SER D 84 -9.40 0.59 -15.20
CA SER D 84 -7.96 0.79 -15.21
C SER D 84 -7.29 -0.14 -14.21
N LYS D 85 -6.22 -0.82 -14.65
CA LYS D 85 -5.40 -1.64 -13.77
C LYS D 85 -4.15 -0.93 -13.31
N HIS D 86 -4.04 0.37 -13.58
CA HIS D 86 -2.85 1.14 -13.21
C HIS D 86 -2.85 1.48 -11.73
N LYS D 87 -1.66 1.62 -11.17
CA LYS D 87 -1.49 1.99 -9.77
C LYS D 87 -0.37 3.00 -9.65
N PHE D 88 -0.44 3.81 -8.60
CA PHE D 88 0.61 4.74 -8.23
C PHE D 88 1.08 4.42 -6.82
N MET D 89 2.36 4.67 -6.56
CA MET D 89 2.94 4.45 -5.24
C MET D 89 3.73 5.69 -4.86
N VAL D 90 3.35 6.31 -3.74
CA VAL D 90 4.09 7.42 -3.16
C VAL D 90 4.99 6.83 -2.09
N GLN D 91 6.27 6.66 -2.42
CA GLN D 91 7.23 6.12 -1.47
C GLN D 91 7.93 7.27 -0.75
N THR D 92 8.01 7.17 0.58
CA THR D 92 8.54 8.25 1.39
C THR D 92 9.59 7.72 2.36
N ILE D 93 10.40 8.65 2.87
CA ILE D 93 11.41 8.33 3.87
C ILE D 93 11.71 9.61 4.63
N PHE D 94 12.03 9.48 5.91
CA PHE D 94 12.48 10.64 6.67
C PHE D 94 13.83 11.10 6.16
N ALA D 95 13.95 12.38 5.88
CA ALA D 95 15.15 12.90 5.22
C ALA D 95 16.36 12.79 6.15
N PRO D 96 17.48 12.26 5.68
CA PRO D 96 18.70 12.27 6.47
C PRO D 96 19.25 13.68 6.59
N PRO D 97 20.22 13.91 7.48
CA PRO D 97 20.79 15.26 7.59
C PRO D 97 21.38 15.79 6.29
N ASN D 98 22.02 14.94 5.50
CA ASN D 98 22.64 15.34 4.24
C ASN D 98 21.88 14.69 3.09
N THR D 99 21.24 15.52 2.27
CA THR D 99 20.47 15.07 1.10
C THR D 99 21.18 15.43 -0.19
N SER D 100 22.51 15.36 -0.19
CA SER D 100 23.29 15.68 -1.38
C SER D 100 23.01 14.68 -2.50
N ASP D 101 23.32 13.40 -2.26
CA ASP D 101 23.10 12.35 -3.26
C ASP D 101 21.88 11.55 -2.82
N MET D 102 20.71 11.97 -3.33
CA MET D 102 19.47 11.29 -2.97
C MET D 102 19.42 9.86 -3.49
N GLU D 103 20.12 9.59 -4.60
CA GLU D 103 20.13 8.24 -5.14
C GLU D 103 20.78 7.26 -4.17
N ALA D 104 21.77 7.71 -3.41
CA ALA D 104 22.33 6.86 -2.37
C ALA D 104 21.44 6.80 -1.14
N VAL D 105 20.67 7.87 -0.87
CA VAL D 105 19.76 7.86 0.27
C VAL D 105 18.72 6.77 0.10
N TRP D 106 18.14 6.65 -1.10
CA TRP D 106 17.19 5.57 -1.35
C TRP D 106 17.89 4.22 -1.43
N LYS D 107 19.14 4.18 -1.89
CA LYS D 107 19.87 2.92 -1.96
C LYS D 107 20.26 2.44 -0.57
N GLU D 108 20.81 3.33 0.25
CA GLU D 108 21.24 3.00 1.60
C GLU D 108 20.08 2.94 2.60
N ALA D 109 18.84 3.00 2.13
CA ALA D 109 17.69 3.00 3.03
C ALA D 109 17.32 1.56 3.40
N LYS D 110 17.27 1.29 4.70
CA LYS D 110 16.82 -0.01 5.17
C LYS D 110 15.34 -0.20 4.82
N PRO D 111 14.89 -1.44 4.67
CA PRO D 111 13.46 -1.67 4.38
C PRO D 111 12.55 -1.17 5.48
N ASP D 112 13.01 -1.15 6.73
CA ASP D 112 12.18 -0.66 7.83
C ASP D 112 11.97 0.85 7.77
N GLU D 113 12.86 1.59 7.11
CA GLU D 113 12.74 3.03 7.02
C GLU D 113 11.78 3.49 5.93
N LEU D 114 11.47 2.63 4.97
CA LEU D 114 10.67 3.04 3.82
C LEU D 114 9.19 2.95 4.13
N MET D 115 8.45 3.99 3.72
CA MET D 115 7.01 4.02 3.78
C MET D 115 6.46 4.20 2.37
N ASP D 116 5.25 3.69 2.14
CA ASP D 116 4.65 3.79 0.82
C ASP D 116 3.13 3.84 0.93
N SER D 117 2.52 4.53 -0.03
CA SER D 117 1.07 4.58 -0.18
C SER D 117 0.74 4.27 -1.63
N LYS D 118 -0.14 3.31 -1.83
CA LYS D 118 -0.56 2.93 -3.18
C LYS D 118 -1.93 3.53 -3.49
N LEU D 119 -2.07 4.06 -4.71
CA LEU D 119 -3.32 4.65 -5.16
C LEU D 119 -3.84 3.90 -6.38
N ARG D 120 -5.16 3.95 -6.56
CA ARG D 120 -5.82 3.31 -7.67
CA ARG D 120 -5.84 3.31 -7.67
C ARG D 120 -6.27 4.37 -8.67
N CYS D 121 -6.16 4.04 -9.96
CA CYS D 121 -6.54 4.95 -11.03
C CYS D 121 -7.94 4.60 -11.53
N VAL D 122 -8.85 5.57 -11.49
CA VAL D 122 -10.24 5.37 -11.87
C VAL D 122 -10.53 6.24 -13.08
N PHE D 123 -11.03 5.62 -14.15
CA PHE D 123 -11.40 6.33 -15.37
C PHE D 123 -12.92 6.54 -15.37
N GLU D 124 -13.33 7.78 -15.60
CA GLU D 124 -14.74 8.16 -15.64
C GLU D 124 -15.01 9.00 -16.87
N MET D 125 -16.19 8.80 -17.45
CA MET D 125 -16.65 9.53 -18.61
C MET D 125 -17.74 10.53 -18.22
N PRO D 126 -17.78 11.71 -18.84
CA PRO D 126 -18.82 12.70 -18.47
C PRO D 126 -20.21 12.18 -18.75
N ASN D 127 -21.15 12.58 -17.90
CA ASN D 127 -22.54 12.15 -17.96
C ASN D 127 -22.65 10.62 -17.93
N GLY E 6 2.04 4.97 13.59
CA GLY E 6 1.43 3.68 13.31
C GLY E 6 2.39 2.69 12.66
N GLN E 7 2.25 1.42 13.05
CA GLN E 7 3.15 0.39 12.57
C GLN E 7 2.37 -0.92 12.45
N PHE E 8 2.74 -1.73 11.46
CA PHE E 8 2.12 -3.03 11.26
C PHE E 8 2.84 -4.09 12.07
N TYR E 9 2.09 -4.81 12.90
CA TYR E 9 2.68 -5.78 13.81
C TYR E 9 2.39 -7.21 13.42
N SEP E 10 3.35 -8.09 13.70
CA SEP E 10 3.18 -9.52 13.58
CB SEP E 10 4.54 -10.21 13.53
OG SEP E 10 5.32 -9.67 12.47
C SEP E 10 2.33 -10.00 14.76
O SEP E 10 2.23 -9.28 15.77
P SEP E 10 6.82 -10.28 12.45
O1P SEP E 10 6.73 -11.88 12.25
O2P SEP E 10 7.63 -9.63 11.24
O3P SEP E 10 7.54 -9.96 13.85
N PRO E 11 1.69 -11.18 14.65
CA PRO E 11 0.81 -11.71 15.70
C PRO E 11 1.37 -11.58 17.13
N PRO E 12 0.51 -11.18 18.06
CA PRO E 12 0.98 -10.94 19.44
C PRO E 12 1.56 -12.20 20.06
N GLU E 13 2.48 -11.99 21.00
CA GLU E 13 3.14 -13.10 21.68
C GLU E 13 2.40 -13.45 22.97
N SEP E 14 2.88 -14.47 23.66
CA SEP E 14 2.22 -14.99 24.86
CB SEP E 14 2.80 -16.35 25.23
OG SEP E 14 4.20 -16.26 25.47
C SEP E 14 2.34 -14.04 26.05
O SEP E 14 1.36 -13.85 26.79
P SEP E 14 4.79 -17.70 25.84
O1P SEP E 14 3.95 -18.32 27.07
O2P SEP E 14 6.34 -17.57 26.26
O3P SEP E 14 4.66 -18.68 24.56
N PHE E 15 3.51 -13.46 26.24
CA PHE E 15 3.75 -12.58 27.38
C PHE E 15 3.14 -11.20 27.17
N ALA E 16 2.86 -10.86 25.91
N GLY F 6 2.44 -7.19 -12.15
CA GLY F 6 2.85 -5.83 -12.41
C GLY F 6 4.08 -5.42 -11.63
N GLN F 7 4.50 -4.17 -11.80
CA GLN F 7 5.71 -3.67 -11.17
C GLN F 7 5.70 -2.16 -11.16
N PHE F 8 6.10 -1.57 -10.04
CA PHE F 8 6.20 -0.12 -9.92
C PHE F 8 7.57 0.34 -10.43
N TYR F 9 7.56 1.35 -11.28
CA TYR F 9 8.80 1.84 -11.89
C TYR F 9 9.18 3.22 -11.37
N SEP F 10 10.45 3.36 -11.01
CA SEP F 10 11.00 4.61 -10.49
CB SEP F 10 12.43 4.39 -9.98
OG SEP F 10 12.42 4.14 -8.59
C SEP F 10 10.96 5.72 -11.54
O SEP F 10 11.04 5.44 -12.73
P SEP F 10 13.56 3.08 -8.19
O1P SEP F 10 13.04 1.59 -8.50
O2P SEP F 10 13.87 3.23 -6.62
O3P SEP F 10 14.89 3.37 -9.04
N PRO F 11 10.86 6.98 -11.08
CA PRO F 11 10.84 8.14 -11.98
C PRO F 11 12.09 8.26 -12.84
N PRO F 12 11.93 8.71 -14.10
CA PRO F 12 13.05 8.91 -15.02
C PRO F 12 14.11 9.85 -14.48
CL CL G . -3.24 -10.59 48.91
CL CL H . -18.25 -24.31 35.06
CL CL I . -3.78 -12.28 15.17
CL CL J . 13.89 8.21 -48.12
CL CL K . 7.25 10.65 -14.66
CL CL L . 0.14 2.94 5.49
CL CL M . 0.03 -3.71 -5.44
#